data_3H14
#
_entry.id   3H14
#
_cell.length_a   59.367
_cell.length_b   86.376
_cell.length_c   144.325
_cell.angle_alpha   90.000
_cell.angle_beta   90.000
_cell.angle_gamma   90.000
#
_symmetry.space_group_name_H-M   'C 2 2 21'
#
loop_
_entity.id
_entity.type
_entity.pdbx_description
1 polymer 'Aminotransferase, classes I and II'
2 non-polymer GLYCEROL
3 water water
#
_entity_poly.entity_id   1
_entity_poly.type   'polypeptide(L)'
_entity_poly.pdbx_seq_one_letter_code
;(MSE)SLKNSSRSAVDPFIV(MSE)DV(MSE)EAARRAEEAGRRIIH(MSE)EVGQPGTGAPRGAVEALAKSLETDALGY
TVALGLPALRQRIARLYGEWYGVDLDPGRVVITPGSSGGFLLAFTALFDSGDRVGIGAPGYPSYRQILRALGLVPVDLPT
APENRLQPVPADFAGLDLAGL(MSE)VASPANPTGT(MSE)LDHAA(MSE)GALIEAAQAQGASFISDEIYHGIEYEAKA
VTALELTDECYVINSFSKYFS(MSE)TGWRVGW(MSE)VVPEDQVRVVERIAQN(MSE)FICAPHASQVAALAALDCDAE
LQANLDVYKANRKL(MSE)LERLPKAGFTRIAPPDGAFYVYADVSDLTDDSRAFAAEILEKAGVAVTPGLDFDPERGAGT
LRFSYARATADIEEGLDRLEAF(MSE)QARGEGHHHHHH
;
_entity_poly.pdbx_strand_id   A
#
loop_
_chem_comp.id
_chem_comp.type
_chem_comp.name
_chem_comp.formula
GOL non-polymer GLYCEROL 'C3 H8 O3'
#
# COMPACT_ATOMS: atom_id res chain seq x y z
N LEU A 3 20.25 19.44 21.40
CA LEU A 3 20.70 18.22 20.67
C LEU A 3 20.65 18.50 19.18
N LYS A 4 21.69 18.03 18.49
CA LYS A 4 21.84 18.21 17.06
C LYS A 4 21.18 17.03 16.37
N ASN A 5 20.36 17.33 15.38
CA ASN A 5 19.73 16.29 14.59
C ASN A 5 20.49 16.06 13.33
N SER A 6 20.33 14.84 12.84
CA SER A 6 20.94 14.38 11.64
C SER A 6 20.20 14.83 10.37
N SER A 7 20.89 14.70 9.24
CA SER A 7 20.30 14.81 7.91
CA SER A 7 20.27 14.85 7.93
C SER A 7 19.19 13.79 7.66
N ARG A 8 19.46 12.53 7.99
CA ARG A 8 18.46 11.48 7.73
C ARG A 8 17.15 11.68 8.48
N SER A 9 17.18 12.51 9.53
CA SER A 9 15.99 12.84 10.35
C SER A 9 15.04 13.87 9.72
N ALA A 10 15.47 14.55 8.67
CA ALA A 10 14.68 15.61 8.08
C ALA A 10 13.72 14.99 7.05
N VAL A 11 12.89 14.04 7.49
CA VAL A 11 11.83 13.48 6.67
C VAL A 11 10.70 14.48 6.64
N ASP A 12 9.90 14.38 5.58
CA ASP A 12 8.81 15.31 5.26
C ASP A 12 7.51 14.96 5.99
N PRO A 13 6.80 15.95 6.57
CA PRO A 13 5.50 15.70 7.23
C PRO A 13 4.43 15.42 6.18
N PHE A 14 3.51 14.51 6.46
CA PHE A 14 2.55 14.07 5.48
C PHE A 14 1.48 15.12 5.30
N ILE A 15 1.30 15.53 4.05
CA ILE A 15 0.37 16.60 3.70
C ILE A 15 -1.03 16.23 4.13
N VAL A 16 -1.33 14.93 4.20
CA VAL A 16 -2.69 14.47 4.55
C VAL A 16 -3.10 14.83 5.98
N MSE A 17 -2.12 15.23 6.80
CA MSE A 17 -2.36 15.60 8.21
C MSE A 17 -3.24 16.83 8.35
O MSE A 17 -4.01 16.92 9.29
CB MSE A 17 -1.01 15.82 8.93
CG MSE A 17 -0.08 14.58 8.92
SE MSE A 17 -0.83 13.12 9.97
CE MSE A 17 0.01 11.53 9.16
N ASP A 18 -3.13 17.78 7.43
CA ASP A 18 -4.06 18.93 7.43
C ASP A 18 -5.53 18.48 7.42
N VAL A 19 -5.90 17.63 6.46
CA VAL A 19 -7.30 17.17 6.32
C VAL A 19 -7.73 16.27 7.49
N MSE A 20 -6.89 15.31 7.88
CA MSE A 20 -7.23 14.44 9.01
C MSE A 20 -7.47 15.17 10.31
O MSE A 20 -8.36 14.79 11.08
CB MSE A 20 -6.14 13.40 9.25
CG MSE A 20 -6.09 12.36 8.21
SE MSE A 20 -4.47 11.33 8.46
CE MSE A 20 -5.28 9.66 9.07
N GLU A 21 -6.66 16.18 10.59
CA GLU A 21 -6.83 17.01 11.78
C GLU A 21 -8.07 17.90 11.62
N ALA A 22 -8.21 18.55 10.47
CA ALA A 22 -9.42 19.32 10.19
C ALA A 22 -10.67 18.43 10.28
N ALA A 23 -10.55 17.16 9.88
CA ALA A 23 -11.67 16.20 9.94
C ALA A 23 -12.05 15.94 11.42
N ARG A 24 -11.02 15.75 12.24
CA ARG A 24 -11.15 15.60 13.70
C ARG A 24 -11.80 16.83 14.35
N ARG A 25 -11.36 18.02 13.97
CA ARG A 25 -11.98 19.26 14.44
C ARG A 25 -13.46 19.38 14.04
N ALA A 26 -13.76 19.00 12.79
CA ALA A 26 -15.15 18.99 12.32
C ALA A 26 -15.99 18.09 13.22
N GLU A 27 -15.52 16.87 13.43
CA GLU A 27 -16.26 15.90 14.23
C GLU A 27 -16.42 16.40 15.67
N GLU A 28 -15.39 17.01 16.26
CA GLU A 28 -15.48 17.57 17.62
C GLU A 28 -16.57 18.64 17.76
N ALA A 29 -16.79 19.37 16.67
CA ALA A 29 -17.81 20.40 16.62
C ALA A 29 -19.18 19.79 16.33
N GLY A 30 -19.24 18.48 16.04
CA GLY A 30 -20.52 17.81 15.88
C GLY A 30 -20.90 17.29 14.49
N ARG A 31 -20.00 17.40 13.51
CA ARG A 31 -20.33 17.11 12.12
C ARG A 31 -19.85 15.73 11.76
N ARG A 32 -20.68 14.96 11.07
CA ARG A 32 -20.29 13.64 10.61
C ARG A 32 -19.60 13.86 9.27
N ILE A 33 -18.37 13.37 9.21
CA ILE A 33 -17.50 13.46 8.01
C ILE A 33 -17.41 12.08 7.38
N ILE A 34 -17.44 12.01 6.05
CA ILE A 34 -17.25 10.76 5.34
C ILE A 34 -15.74 10.67 5.04
N HIS A 35 -15.15 9.58 5.51
CA HIS A 35 -13.69 9.44 5.55
C HIS A 35 -13.29 8.69 4.31
N MSE A 36 -12.93 9.45 3.26
CA MSE A 36 -12.39 8.91 2.01
C MSE A 36 -10.89 9.19 1.85
O MSE A 36 -10.34 9.09 0.75
CB MSE A 36 -13.21 9.43 0.81
CG MSE A 36 -14.61 8.94 0.87
SE MSE A 36 -15.69 9.49 -0.69
CE MSE A 36 -16.90 8.02 -0.72
N GLU A 37 -10.24 9.45 2.96
CA GLU A 37 -8.82 9.83 3.01
C GLU A 37 -7.87 8.76 3.56
N VAL A 38 -8.38 7.66 4.12
CA VAL A 38 -7.53 6.71 4.86
C VAL A 38 -7.13 5.54 4.00
N GLY A 39 -5.92 5.06 4.19
CA GLY A 39 -5.45 3.95 3.42
C GLY A 39 -5.46 2.67 4.24
N GLN A 40 -6.59 2.38 4.86
CA GLN A 40 -6.74 1.23 5.77
C GLN A 40 -8.17 0.77 5.68
N PRO A 41 -8.42 -0.54 5.87
CA PRO A 41 -9.78 -1.04 5.88
C PRO A 41 -10.68 -0.38 6.93
N GLY A 42 -11.98 -0.31 6.62
CA GLY A 42 -12.95 0.17 7.57
C GLY A 42 -13.16 -0.87 8.70
N THR A 43 -12.78 -2.12 8.46
CA THR A 43 -13.06 -3.18 9.40
C THR A 43 -11.88 -3.45 10.31
N GLY A 44 -12.17 -4.05 11.46
CA GLY A 44 -11.12 -4.58 12.31
C GLY A 44 -10.78 -6.03 11.98
N ALA A 45 -9.97 -6.62 12.84
CA ALA A 45 -9.57 -8.03 12.68
C ALA A 45 -10.79 -8.94 12.59
N PRO A 46 -10.69 -9.96 11.74
CA PRO A 46 -11.81 -10.85 11.60
C PRO A 46 -12.16 -11.59 12.90
N ARG A 47 -13.42 -11.94 13.07
CA ARG A 47 -13.91 -12.55 14.33
C ARG A 47 -13.10 -13.78 14.78
N GLY A 48 -12.73 -14.65 13.83
CA GLY A 48 -11.91 -15.84 14.13
C GLY A 48 -10.53 -15.52 14.68
N ALA A 49 -9.91 -14.48 14.14
CA ALA A 49 -8.67 -13.95 14.68
C ALA A 49 -8.84 -13.45 16.12
N VAL A 50 -9.92 -12.72 16.38
CA VAL A 50 -10.17 -12.16 17.72
C VAL A 50 -10.46 -13.28 18.73
N GLU A 51 -11.30 -14.21 18.32
CA GLU A 51 -11.55 -15.42 19.11
C GLU A 51 -10.26 -16.18 19.48
N ALA A 52 -9.39 -16.41 18.49
CA ALA A 52 -8.15 -17.15 18.71
C ALA A 52 -7.26 -16.50 19.74
N LEU A 53 -7.09 -15.19 19.64
CA LEU A 53 -6.33 -14.46 20.63
C LEU A 53 -7.00 -14.50 22.01
N ALA A 54 -8.31 -14.23 22.05
CA ALA A 54 -9.03 -14.23 23.32
C ALA A 54 -8.83 -15.57 24.06
N LYS A 55 -8.85 -16.68 23.33
CA LYS A 55 -8.63 -18.01 23.90
C LYS A 55 -7.24 -18.16 24.45
N SER A 56 -6.25 -17.76 23.65
CA SER A 56 -4.86 -17.87 24.07
C SER A 56 -4.58 -17.05 25.32
N LEU A 57 -5.19 -15.87 25.42
CA LEU A 57 -5.06 -15.05 26.63
C LEU A 57 -5.62 -15.78 27.85
N GLU A 58 -6.73 -16.49 27.65
CA GLU A 58 -7.35 -17.31 28.71
C GLU A 58 -6.59 -18.62 28.91
N GLY A 69 9.48 -16.23 12.88
CA GLY A 69 8.23 -16.26 13.66
C GLY A 69 7.65 -17.64 13.97
N LEU A 70 6.38 -17.66 14.36
CA LEU A 70 5.65 -18.88 14.67
C LEU A 70 5.74 -19.85 13.49
N PRO A 71 6.26 -21.07 13.71
CA PRO A 71 6.32 -22.08 12.63
C PRO A 71 4.97 -22.36 11.93
N ALA A 72 3.89 -22.50 12.68
CA ALA A 72 2.56 -22.72 12.09
C ALA A 72 2.14 -21.55 11.17
N LEU A 73 2.48 -20.33 11.54
CA LEU A 73 2.14 -19.14 10.71
C LEU A 73 2.95 -19.07 9.42
N ARG A 74 4.24 -19.29 9.52
CA ARG A 74 5.09 -19.50 8.34
C ARG A 74 4.56 -20.59 7.41
N GLN A 75 4.21 -21.72 7.98
CA GLN A 75 3.62 -22.82 7.22
C GLN A 75 2.29 -22.45 6.58
N ARG A 76 1.46 -21.72 7.31
CA ARG A 76 0.15 -21.30 6.77
C ARG A 76 0.28 -20.31 5.62
N ILE A 77 1.22 -19.39 5.73
CA ILE A 77 1.51 -18.46 4.65
C ILE A 77 2.01 -19.23 3.38
N ALA A 78 2.94 -20.16 3.57
CA ALA A 78 3.43 -21.01 2.48
C ALA A 78 2.27 -21.67 1.75
N ARG A 79 1.30 -22.20 2.49
CA ARG A 79 0.08 -22.79 1.91
C ARG A 79 -0.71 -21.75 1.09
N LEU A 80 -0.78 -20.51 1.58
CA LEU A 80 -1.44 -19.44 0.83
C LEU A 80 -0.84 -19.26 -0.58
N TYR A 81 0.48 -19.42 -0.71
CA TYR A 81 1.14 -19.23 -2.01
C TYR A 81 0.73 -20.30 -3.01
N GLY A 82 0.52 -21.53 -2.54
CA GLY A 82 -0.03 -22.57 -3.40
C GLY A 82 -1.48 -22.28 -3.79
N GLU A 83 -2.30 -21.98 -2.80
CA GLU A 83 -3.72 -21.82 -3.01
C GLU A 83 -4.04 -20.55 -3.83
N TRP A 84 -3.32 -19.45 -3.58
CA TRP A 84 -3.55 -18.21 -4.32
C TRP A 84 -2.84 -18.12 -5.68
N TYR A 85 -1.63 -18.70 -5.81
CA TYR A 85 -0.81 -18.49 -7.00
C TYR A 85 -0.31 -19.77 -7.72
N GLY A 86 -0.61 -20.93 -7.12
CA GLY A 86 -0.03 -22.18 -7.59
C GLY A 86 1.47 -22.19 -7.46
N VAL A 87 2.01 -21.47 -6.47
CA VAL A 87 3.43 -21.49 -6.19
C VAL A 87 3.76 -22.41 -5.03
N ASP A 88 4.68 -23.35 -5.25
CA ASP A 88 5.15 -24.26 -4.20
C ASP A 88 6.28 -23.58 -3.44
N LEU A 89 6.03 -23.22 -2.19
CA LEU A 89 6.97 -22.42 -1.42
C LEU A 89 7.34 -23.12 -0.13
N ASP A 90 8.64 -23.19 0.15
CA ASP A 90 9.12 -23.71 1.40
C ASP A 90 8.83 -22.69 2.50
N PRO A 91 8.19 -23.13 3.61
CA PRO A 91 7.96 -22.21 4.75
C PRO A 91 9.19 -21.62 5.38
N GLY A 92 10.35 -22.27 5.18
CA GLY A 92 11.62 -21.72 5.63
C GLY A 92 11.95 -20.38 5.02
N ARG A 93 11.38 -20.09 3.85
CA ARG A 93 11.62 -18.80 3.16
C ARG A 93 10.67 -17.69 3.59
N VAL A 94 9.64 -18.01 4.40
CA VAL A 94 8.68 -17.03 4.93
C VAL A 94 9.27 -16.49 6.22
N VAL A 95 9.45 -15.16 6.28
CA VAL A 95 9.89 -14.47 7.46
C VAL A 95 8.72 -13.60 7.99
N ILE A 96 8.35 -13.80 9.25
CA ILE A 96 7.29 -13.06 9.88
C ILE A 96 7.87 -11.74 10.37
N THR A 97 7.20 -10.63 10.06
CA THR A 97 7.72 -9.30 10.35
C THR A 97 6.72 -8.55 11.22
N PRO A 98 7.16 -7.47 11.86
CA PRO A 98 6.19 -6.62 12.55
C PRO A 98 5.30 -5.77 11.60
N GLY A 99 4.96 -6.27 10.43
CA GLY A 99 4.18 -5.45 9.50
C GLY A 99 5.01 -5.08 8.31
N SER A 100 4.49 -4.18 7.49
CA SER A 100 5.26 -3.86 6.31
CA SER A 100 5.16 -3.73 6.28
C SER A 100 6.41 -2.90 6.58
N SER A 101 6.31 -2.04 7.58
CA SER A 101 7.42 -1.16 7.97
CA SER A 101 7.42 -1.17 7.88
C SER A 101 8.64 -2.01 8.30
N GLY A 102 8.41 -3.08 9.06
CA GLY A 102 9.43 -4.04 9.45
C GLY A 102 10.00 -4.77 8.26
N GLY A 103 9.14 -5.13 7.31
CA GLY A 103 9.59 -5.79 6.10
C GLY A 103 10.47 -4.87 5.29
N PHE A 104 10.03 -3.63 5.13
CA PHE A 104 10.87 -2.64 4.41
C PHE A 104 12.23 -2.41 5.11
N LEU A 105 12.21 -2.29 6.42
CA LEU A 105 13.45 -2.14 7.18
C LEU A 105 14.40 -3.30 6.94
N LEU A 106 13.85 -4.51 6.89
CA LEU A 106 14.68 -5.69 6.82
C LEU A 106 15.19 -5.82 5.41
N ALA A 107 14.30 -5.62 4.42
CA ALA A 107 14.71 -5.63 3.04
C ALA A 107 15.82 -4.63 2.79
N PHE A 108 15.60 -3.37 3.18
CA PHE A 108 16.55 -2.35 2.82
C PHE A 108 17.88 -2.57 3.53
N THR A 109 17.83 -3.10 4.76
CA THR A 109 19.07 -3.35 5.51
C THR A 109 19.92 -4.47 4.88
N ALA A 110 19.25 -5.52 4.45
CA ALA A 110 19.87 -6.67 3.81
C ALA A 110 20.50 -6.30 2.48
N LEU A 111 19.85 -5.37 1.78
CA LEU A 111 20.19 -5.15 0.36
C LEU A 111 20.99 -3.90 0.02
N PHE A 112 21.02 -2.90 0.90
CA PHE A 112 21.56 -1.62 0.50
C PHE A 112 22.44 -1.02 1.53
N ASP A 113 23.38 -0.21 1.04
CA ASP A 113 24.33 0.50 1.87
C ASP A 113 24.14 1.99 1.74
N SER A 114 24.70 2.74 2.68
CA SER A 114 24.65 4.19 2.63
C SER A 114 24.92 4.70 1.21
N GLY A 115 23.99 5.51 0.71
CA GLY A 115 24.12 6.20 -0.57
C GLY A 115 23.60 5.40 -1.74
N ASP A 116 23.16 4.15 -1.53
CA ASP A 116 22.61 3.37 -2.62
C ASP A 116 21.29 3.98 -3.11
N ARG A 117 21.11 3.93 -4.43
CA ARG A 117 19.93 4.48 -5.08
C ARG A 117 18.92 3.42 -5.33
N VAL A 118 17.67 3.69 -4.92
CA VAL A 118 16.59 2.73 -5.05
C VAL A 118 15.46 3.41 -5.81
N GLY A 119 15.08 2.83 -6.95
CA GLY A 119 14.05 3.37 -7.85
C GLY A 119 12.65 3.06 -7.31
N ILE A 120 11.81 4.09 -7.26
CA ILE A 120 10.41 3.95 -6.81
C ILE A 120 9.51 4.79 -7.70
N GLY A 121 8.42 4.23 -8.17
CA GLY A 121 7.48 5.00 -9.04
C GLY A 121 6.81 6.14 -8.34
N ALA A 122 6.57 7.24 -9.06
CA ALA A 122 5.80 8.37 -8.51
C ALA A 122 4.69 8.52 -9.53
N PRO A 123 3.40 8.40 -9.13
CA PRO A 123 2.89 8.32 -7.75
C PRO A 123 3.17 6.99 -7.12
N GLY A 124 3.40 7.03 -5.81
CA GLY A 124 3.55 5.82 -5.00
C GLY A 124 3.36 6.08 -3.51
N TYR A 125 3.51 4.99 -2.75
CA TYR A 125 3.30 5.02 -1.31
C TYR A 125 4.24 6.04 -0.69
N PRO A 126 3.70 7.00 0.07
CA PRO A 126 4.52 8.11 0.55
C PRO A 126 5.71 7.70 1.42
N SER A 127 5.58 6.61 2.16
CA SER A 127 6.61 6.20 3.07
C SER A 127 7.82 5.57 2.40
N TYR A 128 7.73 5.12 1.16
CA TYR A 128 8.91 4.52 0.52
C TYR A 128 10.07 5.49 0.53
N ARG A 129 9.88 6.70 -0.03
CA ARG A 129 10.96 7.69 -0.11
C ARG A 129 11.46 8.11 1.26
N GLN A 130 10.56 8.19 2.24
CA GLN A 130 10.93 8.64 3.57
C GLN A 130 11.75 7.61 4.34
N ILE A 131 11.31 6.36 4.30
CA ILE A 131 12.05 5.24 4.96
C ILE A 131 13.42 5.08 4.32
N LEU A 132 13.51 5.14 3.00
CA LEU A 132 14.82 5.11 2.33
C LEU A 132 15.77 6.21 2.78
N ARG A 133 15.26 7.44 2.82
CA ARG A 133 16.05 8.57 3.28
C ARG A 133 16.44 8.46 4.77
N ALA A 134 15.49 8.03 5.58
CA ALA A 134 15.68 7.83 7.04
C ALA A 134 16.80 6.85 7.37
N LEU A 135 17.04 5.93 6.45
CA LEU A 135 18.10 4.91 6.57
C LEU A 135 19.44 5.30 5.88
N GLY A 136 19.52 6.52 5.37
CA GLY A 136 20.69 6.97 4.64
C GLY A 136 20.81 6.46 3.23
N LEU A 137 19.70 6.05 2.65
CA LEU A 137 19.71 5.58 1.28
C LEU A 137 19.11 6.71 0.42
N VAL A 138 19.14 6.50 -0.88
CA VAL A 138 18.80 7.53 -1.85
C VAL A 138 17.59 7.10 -2.69
N PRO A 139 16.41 7.64 -2.35
CA PRO A 139 15.27 7.28 -3.18
C PRO A 139 15.36 8.01 -4.51
N VAL A 140 15.03 7.33 -5.60
CA VAL A 140 15.04 7.90 -6.94
C VAL A 140 13.60 7.74 -7.46
N ASP A 141 12.84 8.82 -7.42
CA ASP A 141 11.46 8.79 -7.92
C ASP A 141 11.52 8.68 -9.42
N LEU A 142 10.72 7.75 -9.94
CA LEU A 142 10.55 7.49 -11.35
C LEU A 142 9.14 7.97 -11.73
N PRO A 143 9.03 9.12 -12.39
CA PRO A 143 7.71 9.60 -12.86
C PRO A 143 7.11 8.65 -13.88
N THR A 144 6.01 8.00 -13.52
CA THR A 144 5.38 7.06 -14.38
C THR A 144 4.33 7.77 -15.22
N ALA A 145 3.97 7.14 -16.33
CA ALA A 145 3.12 7.72 -17.35
C ALA A 145 1.78 6.99 -17.37
N PRO A 146 0.71 7.70 -17.71
CA PRO A 146 -0.63 7.05 -17.86
C PRO A 146 -0.66 5.86 -18.85
N GLU A 147 0.02 6.02 -19.96
CA GLU A 147 0.08 4.98 -20.95
C GLU A 147 0.76 3.73 -20.39
N ASN A 148 1.48 3.87 -19.29
CA ASN A 148 2.13 2.76 -18.59
C ASN A 148 1.35 2.32 -17.36
N ARG A 149 0.11 2.81 -17.25
CA ARG A 149 -0.75 2.48 -16.13
C ARG A 149 -0.18 2.99 -14.78
N LEU A 150 0.60 4.05 -14.86
CA LEU A 150 1.27 4.67 -13.71
C LEU A 150 2.10 3.68 -12.90
N GLN A 151 2.78 2.81 -13.64
CA GLN A 151 3.68 1.83 -13.15
C GLN A 151 4.98 2.03 -13.86
N PRO A 152 6.11 1.76 -13.18
CA PRO A 152 7.35 1.88 -13.93
C PRO A 152 7.47 0.86 -15.06
N VAL A 153 8.18 1.28 -16.11
CA VAL A 153 8.57 0.41 -17.19
C VAL A 153 10.10 0.41 -17.29
N PRO A 154 10.68 -0.62 -17.91
CA PRO A 154 12.13 -0.65 -18.01
C PRO A 154 12.79 0.63 -18.49
N ALA A 155 12.18 1.31 -19.46
CA ALA A 155 12.72 2.56 -19.98
C ALA A 155 12.84 3.67 -18.95
N ASP A 156 12.00 3.63 -17.91
CA ASP A 156 12.04 4.60 -16.85
C ASP A 156 13.32 4.56 -16.02
N PHE A 157 14.02 3.42 -16.01
CA PHE A 157 15.27 3.34 -15.24
C PHE A 157 16.48 2.82 -16.05
N ALA A 158 16.31 2.66 -17.36
CA ALA A 158 17.43 2.31 -18.23
C ALA A 158 18.57 3.31 -18.17
N GLY A 159 18.27 4.55 -17.84
CA GLY A 159 19.29 5.59 -17.78
C GLY A 159 19.88 5.84 -16.42
N LEU A 160 19.50 5.00 -15.44
CA LEU A 160 19.75 5.25 -14.05
C LEU A 160 20.54 4.10 -13.41
N ASP A 161 21.53 4.47 -12.59
CA ASP A 161 22.36 3.51 -11.87
C ASP A 161 21.66 3.29 -10.57
N LEU A 162 20.97 2.17 -10.48
CA LEU A 162 20.17 1.86 -9.30
C LEU A 162 20.68 0.59 -8.67
N ALA A 163 20.73 0.61 -7.34
CA ALA A 163 21.07 -0.56 -6.53
C ALA A 163 19.85 -1.45 -6.31
N GLY A 164 18.66 -0.83 -6.33
CA GLY A 164 17.42 -1.54 -6.19
C GLY A 164 16.25 -0.87 -6.90
N LEU A 165 15.22 -1.67 -7.10
CA LEU A 165 13.94 -1.23 -7.64
C LEU A 165 12.77 -1.82 -6.85
N MSE A 166 11.82 -0.96 -6.51
CA MSE A 166 10.62 -1.42 -5.80
CA MSE A 166 10.61 -1.46 -5.81
C MSE A 166 9.36 -1.15 -6.60
O MSE A 166 9.21 -0.07 -7.15
CB MSE A 166 10.50 -0.70 -4.47
CB MSE A 166 10.52 -0.86 -4.42
CG MSE A 166 9.31 -1.20 -3.67
CG MSE A 166 9.54 -1.61 -3.51
SE MSE A 166 9.69 -1.43 -1.79
SE MSE A 166 9.87 -1.26 -1.60
CE MSE A 166 8.42 -2.89 -1.98
CE MSE A 166 10.59 0.55 -1.83
N VAL A 167 8.51 -2.15 -6.70
CA VAL A 167 7.25 -2.06 -7.44
C VAL A 167 6.10 -2.48 -6.52
N ALA A 168 4.91 -1.91 -6.76
CA ALA A 168 3.72 -2.30 -5.97
C ALA A 168 2.58 -2.62 -6.90
N SER A 169 1.91 -3.74 -6.65
CA SER A 169 0.74 -4.16 -7.42
C SER A 169 -0.14 -5.06 -6.55
N PRO A 170 -1.41 -4.64 -6.28
CA PRO A 170 -2.00 -3.31 -6.54
C PRO A 170 -1.27 -2.16 -5.83
N ALA A 171 -1.16 -1.00 -6.50
CA ALA A 171 -0.46 0.14 -5.98
C ALA A 171 -1.34 1.11 -5.19
N ASN A 172 -0.72 1.73 -4.19
CA ASN A 172 -1.24 2.89 -3.52
C ASN A 172 -0.46 4.03 -4.18
N PRO A 173 -1.13 5.06 -4.71
CA PRO A 173 -2.53 5.46 -4.58
C PRO A 173 -3.48 5.15 -5.73
N THR A 174 -3.03 4.42 -6.73
CA THR A 174 -3.72 4.31 -8.01
C THR A 174 -4.62 3.12 -8.12
N GLY A 175 -4.30 2.07 -7.37
CA GLY A 175 -4.89 0.77 -7.53
C GLY A 175 -4.43 -0.04 -8.74
N THR A 176 -3.51 0.49 -9.53
CA THR A 176 -3.12 -0.23 -10.77
C THR A 176 -2.28 -1.49 -10.45
N MSE A 177 -2.39 -2.48 -11.33
CA MSE A 177 -1.71 -3.73 -11.16
C MSE A 177 -0.78 -4.06 -12.32
O MSE A 177 -0.91 -3.55 -13.42
CB MSE A 177 -2.74 -4.82 -10.96
CG MSE A 177 -3.42 -4.72 -9.62
SE MSE A 177 -5.04 -5.78 -9.48
CE MSE A 177 -4.15 -7.53 -9.34
N LEU A 178 0.17 -4.95 -12.02
CA LEU A 178 1.12 -5.45 -13.00
C LEU A 178 0.73 -6.87 -13.35
N ASP A 179 0.46 -7.09 -14.63
CA ASP A 179 0.17 -8.44 -15.08
C ASP A 179 1.51 -9.20 -15.24
N HIS A 180 1.41 -10.49 -15.55
CA HIS A 180 2.56 -11.37 -15.69
C HIS A 180 3.65 -10.84 -16.64
N ALA A 181 3.23 -10.31 -17.79
CA ALA A 181 4.15 -9.75 -18.81
C ALA A 181 4.88 -8.51 -18.29
N ALA A 182 4.13 -7.62 -17.63
CA ALA A 182 4.67 -6.38 -17.10
C ALA A 182 5.67 -6.62 -15.98
N MSE A 183 5.36 -7.61 -15.15
CA MSE A 183 6.18 -8.00 -14.01
C MSE A 183 7.45 -8.67 -14.52
O MSE A 183 8.52 -8.35 -14.06
CB MSE A 183 5.40 -8.95 -13.14
CG MSE A 183 6.12 -9.44 -11.90
SE MSE A 183 6.42 -8.08 -10.52
CE MSE A 183 4.57 -7.51 -10.45
N GLY A 184 7.30 -9.60 -15.47
CA GLY A 184 8.46 -10.23 -16.10
C GLY A 184 9.46 -9.23 -16.69
N ALA A 185 8.95 -8.25 -17.43
CA ALA A 185 9.78 -7.28 -18.09
C ALA A 185 10.55 -6.47 -17.07
N LEU A 186 9.85 -6.06 -16.02
CA LEU A 186 10.48 -5.29 -14.94
C LEU A 186 11.57 -6.10 -14.26
N ILE A 187 11.27 -7.35 -13.90
CA ILE A 187 12.25 -8.21 -13.23
C ILE A 187 13.47 -8.47 -14.13
N GLU A 188 13.24 -8.80 -15.40
CA GLU A 188 14.33 -9.04 -16.34
C GLU A 188 15.23 -7.79 -16.43
N ALA A 189 14.63 -6.62 -16.55
CA ALA A 189 15.35 -5.36 -16.68
C ALA A 189 16.12 -4.98 -15.42
N ALA A 190 15.49 -5.13 -14.26
CA ALA A 190 16.17 -4.92 -12.99
C ALA A 190 17.41 -5.82 -12.87
N GLN A 191 17.22 -7.13 -13.08
CA GLN A 191 18.28 -8.13 -12.92
C GLN A 191 19.46 -7.83 -13.87
N ALA A 192 19.12 -7.38 -15.07
CA ALA A 192 20.12 -7.14 -16.08
C ALA A 192 21.00 -5.93 -15.79
N GLN A 193 20.55 -4.99 -14.96
CA GLN A 193 21.39 -3.85 -14.58
C GLN A 193 21.78 -3.84 -13.10
N GLY A 194 21.61 -4.96 -12.42
CA GLY A 194 22.15 -5.12 -11.08
C GLY A 194 21.32 -4.48 -9.99
N ALA A 195 20.06 -4.12 -10.31
CA ALA A 195 19.12 -3.53 -9.32
C ALA A 195 18.34 -4.67 -8.59
N SER A 196 18.51 -4.77 -7.27
CA SER A 196 17.80 -5.78 -6.49
C SER A 196 16.32 -5.44 -6.47
N PHE A 197 15.49 -6.43 -6.76
CA PHE A 197 14.06 -6.30 -6.97
C PHE A 197 13.25 -6.59 -5.74
N ILE A 198 12.43 -5.61 -5.37
CA ILE A 198 11.52 -5.74 -4.22
C ILE A 198 10.09 -5.55 -4.69
N SER A 199 9.25 -6.56 -4.44
CA SER A 199 7.85 -6.58 -4.84
C SER A 199 6.96 -6.38 -3.62
N ASP A 200 6.22 -5.26 -3.64
CA ASP A 200 5.29 -4.90 -2.57
C ASP A 200 3.93 -5.50 -2.98
N GLU A 201 3.50 -6.51 -2.24
CA GLU A 201 2.32 -7.30 -2.56
C GLU A 201 1.29 -7.14 -1.43
N ILE A 202 1.42 -6.04 -0.69
CA ILE A 202 0.62 -5.77 0.51
C ILE A 202 -0.88 -5.79 0.23
N TYR A 203 -1.30 -5.37 -0.95
CA TYR A 203 -2.75 -5.33 -1.27
C TYR A 203 -3.27 -6.57 -1.99
N HIS A 204 -2.42 -7.58 -2.24
CA HIS A 204 -2.91 -8.88 -2.72
C HIS A 204 -4.08 -9.41 -1.88
N GLY A 205 -5.08 -9.99 -2.55
CA GLY A 205 -6.33 -10.36 -1.94
C GLY A 205 -7.45 -9.38 -2.29
N ILE A 206 -7.12 -8.09 -2.32
CA ILE A 206 -8.09 -7.03 -2.67
C ILE A 206 -8.06 -6.75 -4.18
N GLU A 207 -8.76 -7.63 -4.88
CA GLU A 207 -8.65 -7.74 -6.33
C GLU A 207 -10.04 -7.95 -6.89
N TYR A 208 -10.27 -7.43 -8.09
CA TYR A 208 -11.61 -7.34 -8.67
C TYR A 208 -11.68 -8.29 -9.86
N GLU A 209 -11.31 -7.84 -11.06
CA GLU A 209 -11.26 -8.77 -12.21
C GLU A 209 -9.83 -9.19 -12.61
N ALA A 210 -8.84 -8.33 -12.44
CA ALA A 210 -7.45 -8.69 -12.68
C ALA A 210 -6.86 -9.54 -11.56
N LYS A 211 -6.17 -10.63 -11.90
CA LYS A 211 -5.54 -11.51 -10.91
C LYS A 211 -4.16 -10.96 -10.52
N ALA A 212 -3.89 -10.84 -9.23
CA ALA A 212 -2.60 -10.35 -8.75
C ALA A 212 -1.56 -11.40 -9.11
N VAL A 213 -0.37 -10.92 -9.47
CA VAL A 213 0.74 -11.81 -9.82
C VAL A 213 1.86 -11.65 -8.80
N THR A 214 2.16 -12.71 -8.03
CA THR A 214 3.31 -12.64 -7.14
C THR A 214 4.59 -12.71 -7.96
N ALA A 215 5.57 -11.90 -7.57
CA ALA A 215 6.89 -11.94 -8.20
C ALA A 215 7.50 -13.33 -8.15
N LEU A 216 7.10 -14.14 -7.18
CA LEU A 216 7.53 -15.56 -7.09
C LEU A 216 7.12 -16.44 -8.28
N GLU A 217 6.10 -16.03 -9.03
CA GLU A 217 5.71 -16.74 -10.26
C GLU A 217 6.72 -16.54 -11.40
N LEU A 218 7.62 -15.55 -11.27
CA LEU A 218 8.60 -15.20 -12.31
C LEU A 218 10.03 -15.39 -11.87
N THR A 219 10.33 -15.21 -10.58
CA THR A 219 11.69 -15.41 -10.08
C THR A 219 11.69 -15.71 -8.59
N ASP A 220 12.75 -16.35 -8.12
CA ASP A 220 12.98 -16.46 -6.71
C ASP A 220 13.95 -15.39 -6.22
N GLU A 221 14.65 -14.73 -7.15
CA GLU A 221 15.64 -13.71 -6.79
C GLU A 221 14.99 -12.34 -6.62
N CYS A 222 14.21 -12.23 -5.56
CA CYS A 222 13.48 -11.01 -5.23
C CYS A 222 13.10 -11.12 -3.79
N TYR A 223 12.82 -9.98 -3.17
CA TYR A 223 12.20 -9.91 -1.85
C TYR A 223 10.73 -9.59 -2.09
N VAL A 224 9.83 -10.35 -1.51
CA VAL A 224 8.38 -10.03 -1.54
C VAL A 224 7.99 -9.52 -0.14
N ILE A 225 7.26 -8.41 -0.10
CA ILE A 225 6.84 -7.76 1.16
C ILE A 225 5.31 -7.83 1.23
N ASN A 226 4.79 -8.30 2.37
CA ASN A 226 3.36 -8.36 2.58
C ASN A 226 2.99 -8.03 4.02
N SER A 227 1.70 -8.03 4.28
CA SER A 227 1.16 -7.54 5.54
C SER A 227 -0.22 -8.16 5.75
N PHE A 228 -0.62 -8.22 7.02
CA PHE A 228 -1.99 -8.61 7.38
C PHE A 228 -2.91 -7.39 7.52
N SER A 229 -2.43 -6.22 7.13
CA SER A 229 -3.11 -4.97 7.40
C SER A 229 -4.27 -4.65 6.46
N LYS A 230 -4.33 -5.31 5.29
CA LYS A 230 -5.27 -4.94 4.22
C LYS A 230 -6.35 -6.00 3.96
N TYR A 231 -6.13 -6.96 3.08
CA TYR A 231 -7.10 -8.04 2.88
C TYR A 231 -7.40 -8.76 4.19
N PHE A 232 -6.36 -8.96 5.01
CA PHE A 232 -6.60 -9.67 6.29
C PHE A 232 -7.12 -8.80 7.41
N SER A 233 -7.21 -7.49 7.14
CA SER A 233 -7.96 -6.53 7.98
C SER A 233 -7.41 -6.42 9.40
N MSE A 234 -6.09 -6.52 9.56
CA MSE A 234 -5.46 -6.36 10.86
C MSE A 234 -4.54 -5.16 10.93
O MSE A 234 -3.44 -5.22 11.50
CB MSE A 234 -4.72 -7.66 11.23
CG MSE A 234 -5.63 -8.79 11.38
SE MSE A 234 -4.73 -10.44 11.78
CE MSE A 234 -3.89 -9.88 13.43
N THR A 235 -4.98 -4.03 10.37
CA THR A 235 -4.29 -2.78 10.58
C THR A 235 -4.21 -2.53 12.09
N GLY A 236 -3.05 -2.13 12.55
CA GLY A 236 -2.87 -1.82 13.96
C GLY A 236 -2.20 -2.93 14.75
N TRP A 237 -2.15 -4.13 14.19
CA TRP A 237 -1.63 -5.33 14.89
C TRP A 237 -0.14 -5.57 14.70
N ARG A 238 0.48 -4.83 13.79
CA ARG A 238 1.93 -4.92 13.55
C ARG A 238 2.40 -6.32 13.25
N VAL A 239 1.79 -6.94 12.25
CA VAL A 239 2.24 -8.26 11.85
C VAL A 239 2.17 -8.36 10.32
N GLY A 240 3.19 -8.98 9.73
CA GLY A 240 3.22 -9.19 8.29
C GLY A 240 4.25 -10.27 7.99
N TRP A 241 4.66 -10.36 6.74
CA TRP A 241 5.64 -11.31 6.33
C TRP A 241 6.38 -10.83 5.12
N MSE A 242 7.50 -11.53 4.86
CA MSE A 242 8.24 -11.37 3.64
C MSE A 242 8.68 -12.76 3.15
O MSE A 242 8.71 -13.71 3.92
CB MSE A 242 9.41 -10.38 3.85
CG MSE A 242 10.40 -10.78 4.90
SE MSE A 242 11.61 -9.35 5.49
CE MSE A 242 12.19 -8.79 3.76
N VAL A 243 8.92 -12.88 1.85
CA VAL A 243 9.52 -14.08 1.27
C VAL A 243 10.83 -13.66 0.65
N VAL A 244 11.90 -14.39 0.97
CA VAL A 244 13.22 -14.15 0.44
C VAL A 244 13.76 -15.46 -0.14
N PRO A 245 14.77 -15.38 -1.01
CA PRO A 245 15.42 -16.58 -1.57
C PRO A 245 15.95 -17.49 -0.48
N GLU A 246 16.11 -18.79 -0.78
CA GLU A 246 16.71 -19.71 0.20
C GLU A 246 18.02 -19.19 0.81
N ASP A 247 18.91 -18.66 -0.02
CA ASP A 247 20.20 -18.16 0.46
C ASP A 247 20.13 -16.83 1.20
N GLN A 248 18.95 -16.22 1.26
CA GLN A 248 18.79 -14.93 1.95
C GLN A 248 18.16 -15.04 3.34
N VAL A 249 17.50 -16.16 3.64
CA VAL A 249 16.86 -16.37 4.94
C VAL A 249 17.78 -16.10 6.11
N ARG A 250 18.99 -16.66 6.08
CA ARG A 250 19.89 -16.47 7.21
C ARG A 250 20.36 -15.03 7.35
N VAL A 251 20.59 -14.33 6.22
CA VAL A 251 20.90 -12.91 6.27
C VAL A 251 19.80 -12.13 6.99
N VAL A 252 18.56 -12.37 6.61
CA VAL A 252 17.40 -11.65 7.20
C VAL A 252 17.23 -12.02 8.66
N GLU A 253 17.34 -13.31 8.97
CA GLU A 253 17.19 -13.79 10.34
C GLU A 253 18.18 -13.13 11.28
N ARG A 254 19.45 -13.02 10.89
CA ARG A 254 20.42 -12.41 11.78
C ARG A 254 20.14 -10.96 12.00
N ILE A 255 19.73 -10.26 10.94
CA ILE A 255 19.38 -8.87 11.10
C ILE A 255 18.20 -8.76 12.06
N ALA A 256 17.17 -9.57 11.83
CA ALA A 256 15.96 -9.53 12.66
C ALA A 256 16.26 -9.88 14.13
N GLN A 257 17.13 -10.87 14.36
CA GLN A 257 17.58 -11.29 15.70
C GLN A 257 18.37 -10.17 16.33
N ASN A 258 19.49 -9.83 15.64
CA ASN A 258 20.46 -8.86 16.12
C ASN A 258 19.87 -7.48 16.30
N MSE A 259 18.80 -7.15 15.55
CA MSE A 259 18.05 -5.88 15.71
C MSE A 259 16.74 -6.04 16.50
O MSE A 259 15.99 -5.07 16.62
CB MSE A 259 17.67 -5.27 14.34
CG MSE A 259 18.82 -4.84 13.43
SE MSE A 259 18.18 -3.80 11.85
CE MSE A 259 18.04 -2.01 12.58
N PHE A 260 16.46 -7.25 16.96
CA PHE A 260 15.19 -7.59 17.64
C PHE A 260 13.92 -7.06 16.94
N ILE A 261 13.79 -7.34 15.63
CA ILE A 261 12.64 -6.89 14.84
C ILE A 261 11.71 -8.07 14.53
N CYS A 262 10.61 -8.15 15.24
CA CYS A 262 9.70 -9.27 15.06
C CYS A 262 8.32 -8.89 15.54
N ALA A 263 7.34 -9.68 15.10
CA ALA A 263 5.96 -9.40 15.38
C ALA A 263 5.61 -9.84 16.82
N PRO A 264 4.74 -9.08 17.49
CA PRO A 264 4.25 -9.50 18.79
C PRO A 264 3.61 -10.87 18.71
N HIS A 265 3.85 -11.73 19.69
CA HIS A 265 3.28 -13.09 19.61
C HIS A 265 1.75 -13.05 19.58
N ALA A 266 1.14 -12.14 20.33
CA ALA A 266 -0.33 -12.01 20.31
C ALA A 266 -0.84 -11.80 18.89
N SER A 267 -0.20 -10.89 18.17
CA SER A 267 -0.55 -10.63 16.78
C SER A 267 -0.33 -11.83 15.87
N GLN A 268 0.71 -12.61 16.11
CA GLN A 268 0.98 -13.82 15.32
C GLN A 268 -0.06 -14.93 15.47
N VAL A 269 -0.55 -15.10 16.71
CA VAL A 269 -1.70 -15.98 17.03
C VAL A 269 -2.94 -15.56 16.23
N ALA A 270 -3.27 -14.27 16.30
CA ALA A 270 -4.43 -13.77 15.56
C ALA A 270 -4.29 -13.95 14.03
N ALA A 271 -3.08 -13.73 13.50
CA ALA A 271 -2.88 -13.76 12.05
C ALA A 271 -3.00 -15.18 11.54
N LEU A 272 -2.45 -16.12 12.29
CA LEU A 272 -2.65 -17.53 11.98
C LEU A 272 -4.12 -17.85 11.76
N ALA A 273 -4.94 -17.39 12.68
CA ALA A 273 -6.37 -17.65 12.58
C ALA A 273 -7.03 -16.85 11.43
N ALA A 274 -6.61 -15.60 11.24
CA ALA A 274 -7.19 -14.72 10.20
C ALA A 274 -7.11 -15.36 8.84
N LEU A 275 -6.02 -16.09 8.62
CA LEU A 275 -5.79 -16.79 7.36
C LEU A 275 -6.88 -17.80 7.02
N ASP A 276 -7.58 -18.30 8.04
CA ASP A 276 -8.70 -19.21 7.81
C ASP A 276 -10.09 -18.52 7.88
N CYS A 277 -10.12 -17.19 7.98
CA CYS A 277 -11.40 -16.44 8.05
C CYS A 277 -11.87 -15.98 6.66
N ASP A 278 -11.74 -16.88 5.70
CA ASP A 278 -12.09 -16.63 4.29
C ASP A 278 -13.48 -16.04 4.11
N ALA A 279 -14.48 -16.57 4.81
CA ALA A 279 -15.85 -16.07 4.64
C ALA A 279 -15.98 -14.61 4.99
N GLU A 280 -15.47 -14.20 6.16
CA GLU A 280 -15.57 -12.82 6.57
C GLU A 280 -14.75 -11.92 5.66
N LEU A 281 -13.54 -12.33 5.35
CA LEU A 281 -12.65 -11.48 4.53
C LEU A 281 -13.18 -11.32 3.10
N GLN A 282 -13.84 -12.33 2.58
CA GLN A 282 -14.49 -12.20 1.28
C GLN A 282 -15.72 -11.33 1.37
N ALA A 283 -16.39 -11.29 2.54
CA ALA A 283 -17.53 -10.40 2.75
C ALA A 283 -17.08 -8.94 2.69
N ASN A 284 -15.96 -8.67 3.36
CA ASN A 284 -15.31 -7.37 3.26
C ASN A 284 -15.03 -7.07 1.81
N LEU A 285 -14.49 -8.02 1.06
CA LEU A 285 -14.22 -7.78 -0.36
C LEU A 285 -15.49 -7.53 -1.20
N ASP A 286 -16.58 -8.21 -0.87
CA ASP A 286 -17.89 -7.93 -1.52
C ASP A 286 -18.28 -6.49 -1.31
N VAL A 287 -18.02 -5.95 -0.13
CA VAL A 287 -18.26 -4.55 0.13
C VAL A 287 -17.38 -3.66 -0.77
N TYR A 288 -16.11 -3.97 -0.87
CA TYR A 288 -15.24 -3.19 -1.76
C TYR A 288 -15.73 -3.27 -3.21
N LYS A 289 -16.17 -4.46 -3.64
CA LYS A 289 -16.66 -4.64 -5.01
C LYS A 289 -17.85 -3.74 -5.27
N ALA A 290 -18.77 -3.66 -4.30
CA ALA A 290 -19.95 -2.82 -4.41
C ALA A 290 -19.60 -1.34 -4.42
N ASN A 291 -18.64 -0.93 -3.57
CA ASN A 291 -18.24 0.46 -3.50
C ASN A 291 -17.54 0.95 -4.76
N ARG A 292 -16.71 0.07 -5.33
CA ARG A 292 -15.94 0.34 -6.56
C ARG A 292 -16.90 0.61 -7.70
N LYS A 293 -17.90 -0.26 -7.79
CA LYS A 293 -18.98 -0.13 -8.78
C LYS A 293 -19.61 1.26 -8.67
N LEU A 294 -19.97 1.67 -7.46
CA LEU A 294 -20.45 3.03 -7.16
C LEU A 294 -19.49 4.16 -7.54
N MSE A 295 -18.21 4.02 -7.16
CA MSE A 295 -17.22 5.03 -7.54
C MSE A 295 -17.12 5.21 -9.07
O MSE A 295 -17.08 6.34 -9.59
CB MSE A 295 -15.83 4.67 -6.99
CG MSE A 295 -15.75 4.63 -5.46
SE MSE A 295 -16.02 6.29 -4.58
CE MSE A 295 -14.17 7.01 -4.65
N LEU A 296 -17.05 4.09 -9.78
CA LEU A 296 -16.88 4.08 -11.24
C LEU A 296 -18.07 4.71 -11.97
N GLU A 297 -19.28 4.43 -11.50
CA GLU A 297 -20.49 5.11 -12.00
C GLU A 297 -20.59 6.59 -11.63
N ARG A 298 -20.34 6.95 -10.36
CA ARG A 298 -20.77 8.25 -9.87
C ARG A 298 -19.73 9.37 -9.86
N LEU A 299 -18.44 9.02 -9.81
CA LEU A 299 -17.41 10.05 -9.80
C LEU A 299 -17.41 10.86 -11.10
N PRO A 300 -17.53 10.20 -12.26
CA PRO A 300 -17.60 11.00 -13.51
C PRO A 300 -18.75 12.00 -13.48
N LYS A 301 -19.93 11.53 -13.09
CA LYS A 301 -21.09 12.37 -12.90
C LYS A 301 -20.78 13.59 -12.03
N ALA A 302 -19.92 13.44 -11.01
CA ALA A 302 -19.57 14.58 -10.14
C ALA A 302 -18.49 15.49 -10.72
N GLY A 303 -17.90 15.13 -11.86
CA GLY A 303 -16.80 15.93 -12.41
C GLY A 303 -15.41 15.28 -12.38
N PHE A 304 -15.31 14.07 -11.83
CA PHE A 304 -14.03 13.35 -11.74
C PHE A 304 -13.94 12.33 -12.87
N THR A 305 -13.58 12.84 -14.07
CA THR A 305 -13.70 12.07 -15.30
C THR A 305 -12.41 11.45 -15.79
N ARG A 306 -11.29 11.83 -15.17
CA ARG A 306 -9.96 11.33 -15.48
CA ARG A 306 -9.98 11.28 -15.49
C ARG A 306 -9.38 10.58 -14.27
N ILE A 307 -9.48 9.25 -14.27
CA ILE A 307 -8.98 8.43 -13.16
C ILE A 307 -8.10 7.31 -13.67
N ALA A 308 -7.11 6.96 -12.88
CA ALA A 308 -6.32 5.77 -13.19
C ALA A 308 -7.25 4.59 -13.02
N PRO A 309 -7.02 3.48 -13.77
CA PRO A 309 -7.86 2.28 -13.66
C PRO A 309 -7.72 1.59 -12.30
N PRO A 310 -8.80 1.55 -11.49
CA PRO A 310 -8.62 0.99 -10.15
C PRO A 310 -8.68 -0.53 -10.21
N ASP A 311 -7.55 -1.13 -10.60
CA ASP A 311 -7.47 -2.55 -10.87
C ASP A 311 -7.65 -3.37 -9.57
N GLY A 312 -7.15 -2.82 -8.48
CA GLY A 312 -7.09 -3.53 -7.19
C GLY A 312 -6.97 -2.54 -6.05
N ALA A 313 -6.79 -3.03 -4.83
CA ALA A 313 -6.87 -2.15 -3.64
C ALA A 313 -8.23 -1.42 -3.55
N PHE A 314 -8.28 -0.32 -2.82
CA PHE A 314 -9.55 0.43 -2.64
C PHE A 314 -9.36 1.94 -2.76
N TYR A 315 -8.67 2.33 -3.83
CA TYR A 315 -8.35 3.71 -4.11
C TYR A 315 -8.80 4.09 -5.52
N VAL A 316 -9.12 5.37 -5.67
CA VAL A 316 -9.25 5.98 -6.99
C VAL A 316 -8.37 7.21 -7.01
N TYR A 317 -7.48 7.29 -8.02
CA TYR A 317 -6.54 8.34 -8.18
C TYR A 317 -6.97 9.19 -9.38
N ALA A 318 -7.27 10.44 -9.12
CA ALA A 318 -7.95 11.33 -10.07
C ALA A 318 -7.06 12.47 -10.43
N ASP A 319 -7.06 12.82 -11.71
CA ASP A 319 -6.42 14.02 -12.19
C ASP A 319 -7.46 15.13 -12.08
N VAL A 320 -7.21 16.14 -11.25
CA VAL A 320 -8.20 17.16 -10.95
C VAL A 320 -7.69 18.53 -11.43
N SER A 321 -6.75 18.52 -12.36
CA SER A 321 -6.17 19.75 -12.84
C SER A 321 -7.18 20.68 -13.57
N ASP A 322 -8.30 20.14 -14.02
CA ASP A 322 -9.38 20.96 -14.59
C ASP A 322 -10.20 21.69 -13.51
N LEU A 323 -10.09 21.23 -12.26
CA LEU A 323 -10.90 21.71 -11.15
C LEU A 323 -10.15 22.61 -10.21
N THR A 324 -8.83 22.48 -10.16
CA THR A 324 -8.04 23.19 -9.18
C THR A 324 -6.58 23.28 -9.64
N ASP A 325 -5.89 24.25 -9.09
CA ASP A 325 -4.46 24.41 -9.25
C ASP A 325 -3.71 23.85 -8.05
N ASP A 326 -4.42 23.47 -7.00
CA ASP A 326 -3.77 23.11 -5.75
C ASP A 326 -4.65 22.13 -5.00
N SER A 327 -4.35 20.85 -5.18
CA SER A 327 -5.15 19.77 -4.59
C SER A 327 -5.20 19.82 -3.06
N ARG A 328 -4.22 20.46 -2.44
CA ARG A 328 -4.21 20.64 -1.00
C ARG A 328 -5.34 21.58 -0.59
N ALA A 329 -5.40 22.73 -1.25
CA ALA A 329 -6.48 23.67 -1.02
C ALA A 329 -7.84 23.07 -1.40
N PHE A 330 -7.87 22.32 -2.50
CA PHE A 330 -9.09 21.70 -2.97
C PHE A 330 -9.59 20.65 -1.98
N ALA A 331 -8.69 19.83 -1.43
CA ALA A 331 -9.11 18.84 -0.45
C ALA A 331 -9.67 19.58 0.77
N ALA A 332 -9.04 20.68 1.15
CA ALA A 332 -9.50 21.42 2.33
C ALA A 332 -10.91 21.97 2.11
N GLU A 333 -11.17 22.41 0.88
CA GLU A 333 -12.47 22.98 0.52
C GLU A 333 -13.54 21.88 0.47
N ILE A 334 -13.18 20.71 -0.05
CA ILE A 334 -14.08 19.57 -0.11
C ILE A 334 -14.51 19.21 1.32
N LEU A 335 -13.53 19.17 2.22
CA LEU A 335 -13.80 18.90 3.65
C LEU A 335 -14.75 19.90 4.27
N GLU A 336 -14.41 21.17 4.14
CA GLU A 336 -15.17 22.27 4.76
C GLU A 336 -16.59 22.27 4.22
N LYS A 337 -16.72 22.19 2.90
CA LYS A 337 -17.98 22.49 2.25
C LYS A 337 -18.83 21.24 1.97
N ALA A 338 -18.20 20.12 1.63
CA ALA A 338 -18.88 18.83 1.39
C ALA A 338 -18.92 17.87 2.58
N GLY A 339 -18.08 18.09 3.59
CA GLY A 339 -18.03 17.17 4.73
C GLY A 339 -17.46 15.82 4.38
N VAL A 340 -16.57 15.83 3.38
CA VAL A 340 -15.92 14.62 2.88
C VAL A 340 -14.43 14.84 2.93
N ALA A 341 -13.71 13.83 3.47
CA ALA A 341 -12.25 13.88 3.60
C ALA A 341 -11.62 13.10 2.47
N VAL A 342 -10.74 13.74 1.73
CA VAL A 342 -10.02 13.12 0.63
C VAL A 342 -8.56 13.53 0.76
N THR A 343 -7.66 12.85 0.05
CA THR A 343 -6.22 13.08 0.21
C THR A 343 -5.60 13.77 -1.00
N PRO A 344 -4.93 14.90 -0.78
CA PRO A 344 -4.24 15.50 -1.91
C PRO A 344 -3.15 14.58 -2.47
N GLY A 345 -2.88 14.69 -3.76
CA GLY A 345 -1.89 13.88 -4.41
C GLY A 345 -0.43 14.14 -4.07
N LEU A 346 -0.14 15.29 -3.44
CA LEU A 346 1.26 15.69 -3.20
CA LEU A 346 1.25 15.72 -3.16
C LEU A 346 2.10 14.66 -2.43
N ASP A 347 1.50 13.96 -1.46
CA ASP A 347 2.23 12.89 -0.71
C ASP A 347 2.72 11.76 -1.59
N PHE A 348 1.98 11.48 -2.68
CA PHE A 348 2.31 10.37 -3.56
C PHE A 348 3.24 10.79 -4.70
N ASP A 349 3.11 12.04 -5.13
CA ASP A 349 3.83 12.53 -6.31
C ASP A 349 4.12 14.01 -6.06
N PRO A 350 5.29 14.30 -5.46
CA PRO A 350 5.65 15.67 -5.13
C PRO A 350 5.75 16.63 -6.32
N GLU A 351 6.04 16.12 -7.51
CA GLU A 351 6.19 16.96 -8.67
C GLU A 351 4.85 17.25 -9.35
N ARG A 352 3.95 16.26 -9.41
CA ARG A 352 2.66 16.39 -10.10
C ARG A 352 1.44 16.31 -9.21
N GLY A 353 1.61 16.10 -7.90
CA GLY A 353 0.47 15.84 -6.99
C GLY A 353 -0.46 17.02 -6.71
N ALA A 354 -0.01 18.22 -7.05
CA ALA A 354 -0.83 19.42 -6.84
C ALA A 354 -2.06 19.34 -7.73
N GLY A 355 -1.97 18.54 -8.79
CA GLY A 355 -3.10 18.33 -9.72
C GLY A 355 -3.83 17.02 -9.59
N THR A 356 -3.60 16.29 -8.48
CA THR A 356 -4.26 15.01 -8.32
C THR A 356 -4.87 14.84 -6.92
N LEU A 357 -5.80 13.90 -6.81
CA LEU A 357 -6.42 13.50 -5.54
C LEU A 357 -6.51 11.99 -5.44
N ARG A 358 -6.45 11.47 -4.21
CA ARG A 358 -6.73 10.06 -3.98
C ARG A 358 -8.01 9.94 -3.15
N PHE A 359 -8.95 9.11 -3.61
CA PHE A 359 -10.12 8.73 -2.84
C PHE A 359 -9.88 7.34 -2.32
N SER A 360 -10.33 7.05 -1.12
CA SER A 360 -10.36 5.71 -0.59
C SER A 360 -11.81 5.27 -0.47
N TYR A 361 -12.12 4.05 -0.85
CA TYR A 361 -13.48 3.53 -0.70
C TYR A 361 -13.53 2.33 0.27
N ALA A 362 -12.68 2.36 1.29
CA ALA A 362 -12.52 1.25 2.23
C ALA A 362 -13.62 1.23 3.31
N ARG A 363 -14.50 2.22 3.34
CA ARG A 363 -15.62 2.25 4.30
C ARG A 363 -16.89 1.50 3.85
N ALA A 364 -17.90 1.44 4.73
CA ALA A 364 -19.17 0.77 4.44
C ALA A 364 -19.83 1.35 3.19
N THR A 365 -20.63 0.55 2.49
CA THR A 365 -21.25 1.02 1.26
C THR A 365 -22.15 2.22 1.50
N ALA A 366 -22.87 2.23 2.62
CA ALA A 366 -23.70 3.41 2.97
C ALA A 366 -22.89 4.70 3.13
N ASP A 367 -21.70 4.59 3.68
CA ASP A 367 -20.79 5.75 3.79
C ASP A 367 -20.35 6.24 2.37
N ILE A 368 -20.02 5.31 1.48
CA ILE A 368 -19.62 5.65 0.10
C ILE A 368 -20.81 6.30 -0.63
N GLU A 369 -21.99 5.69 -0.54
CA GLU A 369 -23.19 6.29 -1.11
C GLU A 369 -23.35 7.71 -0.60
N GLU A 370 -23.28 7.89 0.71
CA GLU A 370 -23.33 9.21 1.32
C GLU A 370 -22.23 10.16 0.85
N GLY A 371 -21.01 9.65 0.74
CA GLY A 371 -19.92 10.48 0.26
C GLY A 371 -20.13 11.00 -1.16
N LEU A 372 -20.59 10.11 -2.02
CA LEU A 372 -20.85 10.47 -3.41
C LEU A 372 -21.99 11.48 -3.55
N ASP A 373 -23.03 11.38 -2.71
CA ASP A 373 -24.11 12.38 -2.68
C ASP A 373 -23.61 13.75 -2.29
N ARG A 374 -22.75 13.79 -1.28
CA ARG A 374 -22.15 15.00 -0.81
C ARG A 374 -21.25 15.64 -1.86
N LEU A 375 -20.48 14.80 -2.55
CA LEU A 375 -19.54 15.28 -3.55
C LEU A 375 -20.33 15.89 -4.71
N GLU A 376 -21.32 15.14 -5.18
CA GLU A 376 -22.20 15.60 -6.25
C GLU A 376 -22.82 16.93 -5.97
N ALA A 377 -23.40 17.10 -4.77
CA ALA A 377 -24.04 18.36 -4.42
C ALA A 377 -23.05 19.49 -4.39
N PHE A 378 -21.84 19.20 -3.88
CA PHE A 378 -20.80 20.21 -3.74
C PHE A 378 -20.34 20.67 -5.11
N MSE A 379 -20.13 19.72 -6.00
CA MSE A 379 -19.63 20.03 -7.34
C MSE A 379 -20.71 20.73 -8.22
O MSE A 379 -20.38 21.56 -9.06
CB MSE A 379 -19.18 18.76 -8.01
CG MSE A 379 -17.96 18.14 -7.34
SE MSE A 379 -16.34 19.21 -7.68
CE MSE A 379 -16.52 20.63 -6.48
N GLN A 380 -21.97 20.39 -8.02
CA GLN A 380 -23.08 21.17 -8.61
C GLN A 380 -23.00 22.64 -8.22
N ALA A 381 -22.90 22.90 -6.92
CA ALA A 381 -22.93 24.27 -6.41
C ALA A 381 -21.65 25.02 -6.70
N ARG A 382 -20.58 24.30 -7.01
CA ARG A 382 -19.28 24.90 -7.31
C ARG A 382 -19.22 25.47 -8.73
C1 GOL B . -5.50 -18.94 0.95
O1 GOL B . -4.67 -19.84 1.65
C2 GOL B . -6.53 -18.24 1.84
O2 GOL B . -7.24 -19.16 2.64
C3 GOL B . -5.82 -17.23 2.74
O3 GOL B . -6.69 -16.66 3.69
C1 GOL C . 4.93 2.08 -7.05
O1 GOL C . 3.54 2.36 -7.03
C2 GOL C . 5.29 1.48 -8.43
O2 GOL C . 4.92 0.14 -8.59
C3 GOL C . 6.80 1.51 -8.68
O3 GOL C . 7.53 1.69 -7.52
#